data_1PY2
#
_entry.id   1PY2
#
_cell.length_a   59.982
_cell.length_b   52.448
_cell.length_c   89.469
_cell.angle_alpha   90.00
_cell.angle_beta   106.34
_cell.angle_gamma   90.00
#
_symmetry.space_group_name_H-M   'P 1 21 1'
#
loop_
_entity.id
_entity.type
_entity.pdbx_description
1 polymer Interleukin-2
2 non-polymer '5-[2,3-DICHLORO-4-(5-{1-[2-(2-GUANIDINO-4-METHYL-PENTANOYLAMINO)-ACETYL]-PIPERIDIN-4-YL}-1-METHYL-1H-PYRAZOL-3-YL)-PHENOXYMETHYL]-FURAN-2-CARBOXYLIC ACID'
3 non-polymer 'ZINC ION'
#
_entity_poly.entity_id   1
_entity_poly.type   'polypeptide(L)'
_entity_poly.pdbx_seq_one_letter_code
;APTSSSTKKTQLQLEHLLLDLQMILNGINNYKNPKLTRMLTFKFYMPKKATELKHLQCLEEELKPLEEVLNLAQSKNFHL
RPRDLISNINVIVLELKGSETTFMCEYADETATIVEFLNRWITFCQSIISTL
;
_entity_poly.pdbx_strand_id   A,B,C,D
#
# COMPACT_ATOMS: atom_id res chain seq x y z
N SER A 6 14.87 55.26 -12.53
CA SER A 6 13.62 55.61 -11.83
C SER A 6 12.51 54.59 -12.07
N THR A 7 12.46 54.07 -13.30
CA THR A 7 11.46 53.07 -13.69
C THR A 7 11.72 51.71 -13.06
N LYS A 8 13.00 51.38 -12.89
CA LYS A 8 13.42 50.10 -12.29
C LYS A 8 13.16 50.08 -10.78
N LYS A 9 13.27 51.24 -10.14
CA LYS A 9 13.01 51.37 -8.71
C LYS A 9 11.52 51.25 -8.39
N THR A 10 10.68 51.71 -9.31
CA THR A 10 9.24 51.58 -9.19
C THR A 10 8.80 50.13 -9.36
N GLN A 11 9.40 49.44 -10.33
CA GLN A 11 9.13 48.03 -10.60
C GLN A 11 9.52 47.13 -9.44
N LEU A 12 10.64 47.45 -8.79
CA LEU A 12 11.14 46.67 -7.66
C LEU A 12 10.41 46.99 -6.35
N GLN A 13 9.88 48.20 -6.25
CA GLN A 13 9.05 48.60 -5.12
C GLN A 13 7.71 47.87 -5.15
N LEU A 14 7.09 47.83 -6.32
CA LEU A 14 5.83 47.13 -6.53
C LEU A 14 5.98 45.61 -6.35
N GLU A 15 7.12 45.07 -6.77
CA GLU A 15 7.44 43.66 -6.59
C GLU A 15 7.63 43.30 -5.12
N HIS A 16 8.21 44.23 -4.36
CA HIS A 16 8.38 44.06 -2.92
C HIS A 16 7.05 44.14 -2.19
N LEU A 17 6.16 45.00 -2.67
CA LEU A 17 4.81 45.11 -2.14
C LEU A 17 3.99 43.85 -2.44
N LEU A 18 4.17 43.32 -3.65
CA LEU A 18 3.51 42.09 -4.09
C LEU A 18 3.88 40.90 -3.21
N LEU A 19 5.18 40.80 -2.89
CA LEU A 19 5.70 39.73 -2.05
C LEU A 19 5.15 39.76 -0.62
N ASP A 20 5.10 40.96 -0.04
CA ASP A 20 4.62 41.15 1.33
C ASP A 20 3.15 40.77 1.48
N LEU A 21 2.33 41.18 0.52
CA LEU A 21 0.91 40.83 0.50
C LEU A 21 0.74 39.33 0.26
N GLN A 22 1.59 38.78 -0.59
CA GLN A 22 1.62 37.34 -0.87
C GLN A 22 2.06 36.53 0.34
N MET A 23 2.97 37.09 1.13
CA MET A 23 3.48 36.45 2.34
C MET A 23 2.41 36.36 3.43
N ILE A 24 1.55 37.38 3.50
CA ILE A 24 0.45 37.40 4.45
C ILE A 24 -0.64 36.39 4.06
N LEU A 25 -1.01 36.40 2.77
CA LEU A 25 -2.07 35.52 2.26
C LEU A 25 -1.72 34.03 2.37
N ASN A 26 -0.44 33.70 2.18
CA ASN A 26 0.04 32.33 2.30
C ASN A 26 -0.10 31.77 3.72
N GLY A 27 0.22 32.61 4.70
CA GLY A 27 0.11 32.24 6.11
C GLY A 27 -1.33 32.16 6.59
N ILE A 28 -2.21 32.93 5.97
CA ILE A 28 -3.64 32.94 6.29
C ILE A 28 -4.30 31.61 5.88
N ASN A 29 -3.88 31.06 4.74
CA ASN A 29 -4.40 29.79 4.24
C ASN A 29 -3.90 28.57 5.01
N ASN A 30 -2.82 28.75 5.77
CA ASN A 30 -2.22 27.67 6.55
C ASN A 30 -2.90 27.40 7.89
N TYR A 31 -3.87 28.24 8.24
CA TYR A 31 -4.59 28.11 9.51
C TYR A 31 -5.66 27.01 9.47
N PRO A 34 -11.31 26.50 11.17
CA PRO A 34 -11.77 27.04 12.45
C PRO A 34 -11.24 28.45 12.71
N LYS A 35 -9.91 28.60 12.68
CA LYS A 35 -9.26 29.90 12.87
C LYS A 35 -9.45 30.79 11.66
N LEU A 36 -9.39 30.18 10.47
CA LEU A 36 -9.57 30.88 9.21
C LEU A 36 -10.99 31.45 9.07
N THR A 37 -11.96 30.72 9.60
CA THR A 37 -13.36 31.16 9.60
C THR A 37 -13.56 32.39 10.49
N ARG A 38 -12.82 32.46 11.59
CA ARG A 38 -12.89 33.58 12.53
C ARG A 38 -12.23 34.83 11.98
N MET A 39 -11.22 34.66 11.14
CA MET A 39 -10.49 35.77 10.54
C MET A 39 -11.30 36.48 9.46
N LEU A 40 -12.31 35.82 8.94
CA LEU A 40 -13.15 36.36 7.87
C LEU A 40 -14.21 37.35 8.39
N THR A 41 -14.41 37.39 9.70
CA THR A 41 -15.36 38.31 10.32
C THR A 41 -14.85 39.75 10.28
N PHE A 42 -13.53 39.90 10.24
CA PHE A 42 -12.87 41.19 10.08
C PHE A 42 -13.13 41.73 8.67
N LYS A 43 -13.67 42.94 8.61
CA LYS A 43 -14.07 43.53 7.33
C LYS A 43 -13.16 44.69 6.90
N PHE A 44 -12.91 44.78 5.60
CA PHE A 44 -12.06 45.81 5.02
C PHE A 44 -12.83 46.61 3.97
N TYR A 45 -12.50 47.90 3.86
CA TYR A 45 -13.05 48.73 2.80
C TYR A 45 -12.23 48.54 1.52
N MET A 46 -12.93 48.46 0.39
CA MET A 46 -12.31 48.14 -0.90
C MET A 46 -12.50 49.29 -1.90
N PRO A 47 -11.57 49.44 -2.84
CA PRO A 47 -11.69 50.47 -3.89
C PRO A 47 -12.74 50.09 -4.92
N LYS A 48 -13.33 51.09 -5.56
CA LYS A 48 -14.31 50.87 -6.63
C LYS A 48 -13.64 50.25 -7.86
N LYS A 49 -12.51 50.84 -8.25
CA LYS A 49 -11.67 50.30 -9.33
C LYS A 49 -10.24 50.79 -9.17
N ALA A 50 -9.31 49.85 -9.01
CA ALA A 50 -7.89 50.17 -8.88
C ALA A 50 -7.15 49.86 -10.19
N THR A 51 -6.76 50.91 -10.90
CA THR A 51 -6.09 50.80 -12.20
C THR A 51 -4.76 51.53 -12.22
N GLU A 52 -4.73 52.73 -11.63
CA GLU A 52 -3.52 53.55 -11.59
C GLU A 52 -2.83 53.49 -10.23
N LEU A 53 -1.59 53.95 -10.17
CA LEU A 53 -0.78 53.95 -8.94
C LEU A 53 -1.33 54.89 -7.87
N LYS A 54 -2.13 55.87 -8.28
CA LYS A 54 -2.73 56.84 -7.36
C LYS A 54 -3.74 56.21 -6.41
N HIS A 55 -4.30 55.07 -6.82
CA HIS A 55 -5.31 54.34 -6.04
C HIS A 55 -4.74 53.58 -4.84
N LEU A 56 -3.42 53.65 -4.66
CA LEU A 56 -2.75 53.01 -3.53
C LEU A 56 -3.09 53.69 -2.19
N GLN A 57 -3.77 54.83 -2.27
CA GLN A 57 -4.27 55.54 -1.09
C GLN A 57 -5.36 54.75 -0.38
N CYS A 58 -6.06 53.89 -1.13
CA CYS A 58 -7.07 53.00 -0.57
C CYS A 58 -6.44 51.90 0.27
N LEU A 59 -5.26 51.44 -0.15
CA LEU A 59 -4.50 50.44 0.60
C LEU A 59 -3.86 51.06 1.84
N GLU A 60 -3.29 52.26 1.67
CA GLU A 60 -2.64 52.99 2.75
C GLU A 60 -3.57 53.25 3.93
N GLU A 61 -4.81 53.61 3.63
CA GLU A 61 -5.83 53.89 4.63
C GLU A 61 -6.24 52.64 5.40
N GLU A 62 -6.06 51.48 4.78
CA GLU A 62 -6.48 50.22 5.37
C GLU A 62 -5.33 49.41 6.00
N LEU A 63 -4.19 50.06 6.17
CA LEU A 63 -3.00 49.40 6.71
C LEU A 63 -3.05 49.20 8.23
N LYS A 64 -3.67 50.16 8.94
CA LYS A 64 -3.90 50.03 10.37
C LYS A 64 -4.92 48.92 10.70
N PRO A 65 -6.04 48.85 9.97
CA PRO A 65 -6.94 47.68 10.05
C PRO A 65 -6.27 46.36 9.67
N LEU A 66 -5.32 46.40 8.73
CA LEU A 66 -4.56 45.21 8.37
C LEU A 66 -3.65 44.76 9.51
N GLU A 67 -3.05 45.73 10.19
CA GLU A 67 -2.20 45.49 11.36
C GLU A 67 -3.01 44.88 12.50
N GLU A 68 -4.25 45.35 12.65
CA GLU A 68 -5.16 44.91 13.71
C GLU A 68 -5.50 43.43 13.61
N VAL A 69 -5.94 43.00 12.44
CA VAL A 69 -6.32 41.60 12.20
C VAL A 69 -5.14 40.62 12.34
N LEU A 70 -3.95 41.10 11.99
CA LEU A 70 -2.73 40.30 12.11
C LEU A 70 -2.29 40.14 13.57
N ASN A 71 -2.61 41.16 14.38
CA ASN A 71 -2.37 41.11 15.82
C ASN A 71 -3.34 40.17 16.53
N LEU A 72 -4.58 40.11 16.04
CA LEU A 72 -5.63 39.28 16.61
C LEU A 72 -5.46 37.80 16.29
N ALA A 73 -4.64 37.50 15.29
CA ALA A 73 -4.38 36.12 14.88
C ALA A 73 -3.09 35.58 15.53
N PHE A 78 1.94 34.87 12.97
CA PHE A 78 1.54 36.27 13.07
C PHE A 78 0.89 36.56 14.43
N ARG A 81 6.89 39.73 13.50
CA ARG A 81 6.07 40.73 14.16
C ARG A 81 5.19 41.48 13.15
N PRO A 82 3.89 41.59 13.46
CA PRO A 82 2.94 42.28 12.59
C PRO A 82 3.21 43.77 12.44
N ARG A 83 3.64 44.43 13.53
CA ARG A 83 3.93 45.86 13.52
C ARG A 83 5.11 46.22 12.61
N ASP A 84 6.09 45.32 12.55
CA ASP A 84 7.27 45.52 11.71
C ASP A 84 6.96 45.34 10.22
N LEU A 85 6.06 44.41 9.91
CA LEU A 85 5.70 44.09 8.53
C LEU A 85 4.90 45.20 7.86
N ILE A 86 3.91 45.74 8.58
CA ILE A 86 3.04 46.81 8.07
C ILE A 86 3.83 48.11 7.90
N SER A 87 4.81 48.34 8.78
CA SER A 87 5.69 49.49 8.70
C SER A 87 6.50 49.51 7.40
N ASN A 88 6.92 48.33 6.94
CA ASN A 88 7.63 48.18 5.68
C ASN A 88 6.73 48.42 4.47
N ILE A 89 5.49 47.93 4.57
CA ILE A 89 4.48 48.11 3.52
C ILE A 89 4.08 49.58 3.41
N ASN A 90 3.95 50.24 4.56
CA ASN A 90 3.57 51.66 4.64
C ASN A 90 4.53 52.58 3.88
N VAL A 91 5.83 52.32 4.02
CA VAL A 91 6.86 53.09 3.32
C VAL A 91 6.74 52.90 1.81
N ILE A 92 6.77 51.64 1.38
CA ILE A 92 6.69 51.27 -0.03
C ILE A 92 5.48 51.88 -0.75
N VAL A 93 4.30 51.76 -0.13
CA VAL A 93 3.07 52.34 -0.67
C VAL A 93 3.18 53.85 -0.83
N LEU A 94 3.65 54.52 0.22
CA LEU A 94 3.81 55.98 0.22
C LEU A 94 4.86 56.46 -0.76
N GLU A 95 5.91 55.67 -0.95
CA GLU A 95 6.96 55.98 -1.92
C GLU A 95 6.47 55.77 -3.35
N LEU A 96 5.59 54.78 -3.54
CA LEU A 96 5.04 54.48 -4.87
C LEU A 96 4.06 55.55 -5.36
N LYS A 97 3.28 56.11 -4.44
CA LYS A 97 2.35 57.19 -4.76
C LYS A 97 2.97 58.56 -4.45
N GLU A 100 3.08 63.71 -3.12
CA GLU A 100 3.22 64.45 -4.38
C GLU A 100 1.87 64.76 -5.01
N THR A 101 0.94 63.80 -4.93
CA THR A 101 -0.40 63.97 -5.48
C THR A 101 -1.46 63.64 -4.43
N THR A 102 -2.39 64.56 -4.23
CA THR A 102 -3.49 64.37 -3.28
C THR A 102 -4.73 63.85 -3.99
N PHE A 103 -5.02 62.56 -3.78
CA PHE A 103 -6.15 61.91 -4.42
C PHE A 103 -7.13 61.34 -3.39
N MET A 104 -8.36 61.84 -3.43
CA MET A 104 -9.43 61.32 -2.57
C MET A 104 -9.89 59.98 -3.11
N CYS A 105 -9.74 58.94 -2.30
CA CYS A 105 -10.07 57.57 -2.73
C CYS A 105 -11.56 57.28 -2.69
N GLU A 106 -12.01 56.45 -3.62
CA GLU A 106 -13.41 56.04 -3.71
C GLU A 106 -13.57 54.58 -3.31
N TYR A 107 -14.41 54.36 -2.31
CA TYR A 107 -14.65 53.00 -1.81
C TYR A 107 -15.92 52.40 -2.39
N ALA A 108 -15.87 51.08 -2.63
CA ALA A 108 -17.02 50.33 -3.12
C ALA A 108 -18.08 50.17 -2.02
N ASP A 109 -19.31 49.90 -2.44
CA ASP A 109 -20.43 49.75 -1.51
C ASP A 109 -20.31 48.53 -0.60
N GLU A 110 -19.68 47.47 -1.11
CA GLU A 110 -19.54 46.21 -0.37
C GLU A 110 -18.16 46.08 0.28
N THR A 111 -18.14 45.63 1.52
CA THR A 111 -16.91 45.36 2.26
C THR A 111 -16.46 43.92 2.05
N ALA A 112 -15.18 43.64 2.33
CA ALA A 112 -14.60 42.33 2.04
C ALA A 112 -13.79 41.73 3.19
N THR A 113 -13.55 40.43 3.11
CA THR A 113 -12.74 39.70 4.08
C THR A 113 -11.25 39.92 3.81
N ILE A 114 -10.40 39.41 4.70
CA ILE A 114 -8.94 39.51 4.57
C ILE A 114 -8.43 38.83 3.30
N VAL A 115 -9.01 37.69 2.95
CA VAL A 115 -8.62 36.94 1.76
C VAL A 115 -8.95 37.70 0.47
N GLU A 116 -10.13 38.32 0.44
CA GLU A 116 -10.55 39.11 -0.71
C GLU A 116 -9.80 40.43 -0.80
N PHE A 117 -9.44 41.00 0.36
CA PHE A 117 -8.69 42.25 0.44
C PHE A 117 -7.28 42.09 -0.12
N LEU A 118 -6.59 41.03 0.29
CA LEU A 118 -5.22 40.77 -0.13
C LEU A 118 -5.15 40.42 -1.62
N ASN A 119 -6.01 39.51 -2.05
CA ASN A 119 -6.03 39.04 -3.45
C ASN A 119 -6.27 40.15 -4.46
N ARG A 120 -7.13 41.10 -4.10
CA ARG A 120 -7.44 42.25 -4.96
C ARG A 120 -6.23 43.15 -5.15
N TRP A 121 -5.46 43.35 -4.08
CA TRP A 121 -4.27 44.19 -4.11
C TRP A 121 -3.07 43.48 -4.73
N ILE A 122 -3.02 42.16 -4.57
CA ILE A 122 -2.02 41.33 -5.25
C ILE A 122 -2.23 41.43 -6.77
N THR A 123 -3.48 41.31 -7.21
CA THR A 123 -3.84 41.42 -8.61
C THR A 123 -3.57 42.83 -9.16
N PHE A 124 -3.83 43.85 -8.33
CA PHE A 124 -3.53 45.23 -8.68
C PHE A 124 -2.03 45.41 -8.97
N CYS A 125 -1.20 44.89 -8.07
CA CYS A 125 0.25 44.97 -8.20
C CYS A 125 0.76 44.25 -9.46
N GLN A 126 0.16 43.11 -9.77
CA GLN A 126 0.51 42.33 -10.95
C GLN A 126 0.13 43.03 -12.26
N SER A 127 -0.84 43.94 -12.18
CA SER A 127 -1.30 44.70 -13.34
C SER A 127 -0.34 45.83 -13.71
N ILE A 128 0.25 46.47 -12.70
CA ILE A 128 1.16 47.59 -12.92
C ILE A 128 2.51 47.13 -13.48
N ILE A 129 3.03 46.03 -12.94
CA ILE A 129 4.28 45.43 -13.43
C ILE A 129 4.18 45.02 -14.90
N SER A 130 2.97 44.61 -15.31
CA SER A 130 2.72 44.20 -16.69
C SER A 130 2.63 45.39 -17.66
N THR A 131 2.37 46.59 -17.13
CA THR A 131 2.19 47.78 -17.96
C THR A 131 3.47 48.62 -18.10
N LEU A 132 4.59 47.95 -18.35
CA LEU A 132 5.87 48.62 -18.61
C LEU A 132 6.77 47.79 -19.51
N SER B 6 -2.79 -1.20 12.78
CA SER B 6 -4.25 -1.11 13.12
C SER B 6 -4.97 -2.43 12.91
N THR B 7 -4.63 -3.13 11.82
CA THR B 7 -5.22 -4.42 11.51
C THR B 7 -4.79 -5.51 12.50
N LYS B 8 -3.56 -5.39 12.99
CA LYS B 8 -3.02 -6.33 13.96
C LYS B 8 -3.48 -6.01 15.39
N LYS B 9 -3.87 -4.75 15.62
CA LYS B 9 -4.34 -4.30 16.92
C LYS B 9 -5.80 -4.67 17.16
N THR B 10 -6.63 -4.53 16.13
CA THR B 10 -8.06 -4.81 16.20
C THR B 10 -8.37 -6.29 16.43
N GLN B 11 -7.63 -7.16 15.74
CA GLN B 11 -7.83 -8.60 15.82
C GLN B 11 -7.50 -9.19 17.20
N LEU B 12 -6.35 -8.79 17.75
CA LEU B 12 -5.87 -9.30 19.03
C LEU B 12 -6.74 -8.85 20.19
N GLN B 13 -7.33 -7.66 20.07
CA GLN B 13 -8.22 -7.13 21.08
C GLN B 13 -9.58 -7.83 21.04
N LEU B 14 -10.05 -8.14 19.84
CA LEU B 14 -11.28 -8.90 19.64
C LEU B 14 -11.12 -10.32 20.16
N GLU B 15 -9.93 -10.90 19.93
CA GLU B 15 -9.57 -12.22 20.45
C GLU B 15 -9.54 -12.21 21.97
N HIS B 16 -8.99 -11.13 22.54
CA HIS B 16 -8.91 -10.96 23.99
C HIS B 16 -10.29 -10.80 24.63
N LEU B 17 -11.14 -10.01 23.98
CA LEU B 17 -12.52 -9.80 24.43
C LEU B 17 -13.31 -11.10 24.38
N LEU B 18 -13.13 -11.85 23.29
CA LEU B 18 -13.80 -13.14 23.11
C LEU B 18 -13.42 -14.13 24.21
N LEU B 19 -12.12 -14.24 24.49
CA LEU B 19 -11.61 -15.14 25.52
C LEU B 19 -12.07 -14.73 26.92
N ASP B 20 -12.17 -13.42 27.15
CA ASP B 20 -12.65 -12.87 28.41
C ASP B 20 -14.14 -13.16 28.62
N LEU B 21 -14.92 -13.02 27.56
CA LEU B 21 -16.36 -13.30 27.61
C LEU B 21 -16.64 -14.80 27.77
N GLN B 22 -15.79 -15.62 27.15
CA GLN B 22 -15.87 -17.07 27.30
C GLN B 22 -15.42 -17.51 28.70
N MET B 23 -14.47 -16.77 29.27
CA MET B 23 -13.98 -16.99 30.62
C MET B 23 -15.11 -16.86 31.65
N ILE B 24 -15.89 -15.78 31.50
CA ILE B 24 -17.01 -15.49 32.40
C ILE B 24 -18.09 -16.56 32.27
N LEU B 25 -18.42 -16.90 31.02
CA LEU B 25 -19.45 -17.91 30.72
C LEU B 25 -19.11 -19.28 31.31
N ASN B 26 -17.83 -19.66 31.23
CA ASN B 26 -17.37 -20.96 31.74
C ASN B 26 -17.53 -21.11 33.26
N GLY B 27 -17.29 -20.02 33.99
CA GLY B 27 -17.47 -19.99 35.43
C GLY B 27 -18.95 -20.05 35.81
N ILE B 28 -19.80 -19.44 34.98
CA ILE B 28 -21.24 -19.44 35.17
C ILE B 28 -21.84 -20.84 34.96
N ASN B 29 -21.29 -21.59 34.00
CA ASN B 29 -21.76 -22.92 33.67
C ASN B 29 -21.52 -23.97 34.77
N ASN B 30 -20.57 -23.68 35.65
CA ASN B 30 -20.23 -24.58 36.75
C ASN B 30 -21.15 -24.43 37.97
N TYR B 31 -21.95 -23.36 37.97
CA TYR B 31 -22.91 -23.09 39.04
C TYR B 31 -24.02 -24.13 39.08
N LYS B 32 -24.41 -24.52 40.30
CA LYS B 32 -25.41 -25.56 40.50
C LYS B 32 -26.71 -25.02 41.09
N ASN B 33 -27.74 -25.88 41.05
CA ASN B 33 -29.09 -25.62 41.59
C ASN B 33 -29.50 -24.18 41.99
N PRO B 34 -29.25 -23.75 43.23
CA PRO B 34 -29.81 -22.49 43.72
C PRO B 34 -29.15 -21.24 43.13
N LYS B 35 -27.81 -21.22 43.10
CA LYS B 35 -27.06 -20.05 42.62
C LYS B 35 -27.30 -19.73 41.15
N LEU B 36 -27.51 -20.78 40.36
CA LEU B 36 -27.77 -20.62 38.93
C LEU B 36 -29.14 -19.99 38.67
N THR B 37 -30.15 -20.45 39.41
CA THR B 37 -31.51 -19.95 39.28
C THR B 37 -31.63 -18.49 39.73
N ARG B 38 -30.89 -18.14 40.77
CA ARG B 38 -30.90 -16.78 41.32
C ARG B 38 -30.22 -15.77 40.41
N MET B 39 -29.20 -16.22 39.68
CA MET B 39 -28.45 -15.35 38.77
C MET B 39 -29.19 -15.09 37.47
N LEU B 40 -30.06 -16.02 37.08
CA LEU B 40 -30.82 -15.90 35.84
C LEU B 40 -31.99 -14.92 35.95
N THR B 41 -32.23 -14.40 37.15
CA THR B 41 -33.26 -13.38 37.37
C THR B 41 -32.76 -12.00 36.92
N PHE B 42 -31.45 -11.85 36.85
CA PHE B 42 -30.82 -10.62 36.36
C PHE B 42 -31.05 -10.47 34.86
N LYS B 43 -31.61 -9.33 34.47
CA LYS B 43 -31.99 -9.08 33.09
C LYS B 43 -30.98 -8.20 32.35
N PHE B 44 -30.87 -8.42 31.03
CA PHE B 44 -29.94 -7.68 30.19
C PHE B 44 -30.62 -7.20 28.91
N TYR B 45 -30.13 -6.08 28.39
CA TYR B 45 -30.58 -5.57 27.10
C TYR B 45 -29.73 -6.15 25.98
N MET B 46 -30.36 -6.41 24.84
CA MET B 46 -29.69 -7.06 23.71
C MET B 46 -29.73 -6.16 22.47
N PRO B 47 -28.70 -6.27 21.62
CA PRO B 47 -28.68 -5.51 20.36
C PRO B 47 -29.72 -6.01 19.35
N LYS B 48 -30.29 -5.09 18.58
CA LYS B 48 -31.23 -5.44 17.52
C LYS B 48 -30.50 -6.09 16.35
N LYS B 49 -29.30 -5.58 16.06
CA LYS B 49 -28.45 -6.12 15.00
C LYS B 49 -26.97 -6.01 15.39
N ALA B 50 -26.26 -7.13 15.30
CA ALA B 50 -24.84 -7.18 15.64
C ALA B 50 -24.02 -7.75 14.48
N THR B 51 -23.51 -6.86 13.63
CA THR B 51 -22.75 -7.25 12.44
C THR B 51 -21.51 -6.40 12.21
N GLU B 52 -21.49 -5.21 12.80
CA GLU B 52 -20.39 -4.27 12.66
C GLU B 52 -19.74 -3.95 14.01
N LEU B 53 -18.54 -3.36 13.94
CA LEU B 53 -17.78 -2.98 15.14
C LEU B 53 -18.43 -1.85 15.93
N LYS B 54 -19.23 -1.02 15.25
CA LYS B 54 -19.94 0.08 15.88
C LYS B 54 -21.09 -0.38 16.77
N HIS B 55 -21.50 -1.64 16.59
CA HIS B 55 -22.57 -2.24 17.39
C HIS B 55 -22.09 -2.69 18.76
N LEU B 56 -20.80 -2.49 19.04
CA LEU B 56 -20.21 -2.80 20.35
C LEU B 56 -20.66 -1.81 21.43
N GLN B 57 -21.38 -0.76 21.01
CA GLN B 57 -21.95 0.21 21.93
C GLN B 57 -23.04 -0.42 22.81
N CYS B 58 -23.73 -1.41 22.26
CA CYS B 58 -24.75 -2.16 23.00
C CYS B 58 -24.14 -2.98 24.13
N LEU B 59 -22.92 -3.48 23.91
CA LEU B 59 -22.16 -4.17 24.95
C LEU B 59 -21.59 -3.17 25.94
N GLU B 60 -21.14 -2.02 25.43
CA GLU B 60 -20.55 -0.96 26.22
C GLU B 60 -21.47 -0.46 27.33
N GLU B 61 -22.72 -0.17 26.97
CA GLU B 61 -23.73 0.33 27.90
C GLU B 61 -24.13 -0.70 28.96
N GLU B 62 -23.99 -1.98 28.61
CA GLU B 62 -24.40 -3.08 29.49
C GLU B 62 -23.27 -3.64 30.35
N LEU B 63 -22.14 -2.97 30.36
CA LEU B 63 -20.99 -3.38 31.17
C LEU B 63 -21.16 -3.04 32.65
N LYS B 64 -21.95 -2.00 32.91
CA LYS B 64 -22.34 -1.64 34.28
C LYS B 64 -23.13 -2.77 34.94
N PRO B 65 -24.27 -3.15 34.36
CA PRO B 65 -25.06 -4.31 34.83
C PRO B 65 -24.26 -5.62 34.88
N LEU B 66 -23.36 -5.84 33.92
CA LEU B 66 -22.51 -7.04 33.90
C LEU B 66 -21.61 -7.11 35.14
N GLU B 67 -21.07 -5.95 35.53
CA GLU B 67 -20.25 -5.83 36.74
C GLU B 67 -21.09 -6.08 38.00
N GLU B 68 -22.31 -5.56 38.00
CA GLU B 68 -23.24 -5.70 39.13
C GLU B 68 -23.53 -7.15 39.47
N VAL B 69 -23.89 -7.93 38.45
CA VAL B 69 -24.29 -9.33 38.62
C VAL B 69 -23.12 -10.25 39.01
N LEU B 70 -21.95 -9.96 38.46
CA LEU B 70 -20.73 -10.72 38.78
C LEU B 70 -20.26 -10.46 40.21
N ASN B 71 -20.49 -9.23 40.69
CA ASN B 71 -20.20 -8.88 42.08
C ASN B 71 -21.16 -9.54 43.06
N LEU B 72 -22.35 -9.88 42.59
CA LEU B 72 -23.37 -10.57 43.40
C LEU B 72 -23.15 -12.08 43.44
N ALA B 73 -22.47 -12.62 42.42
CA ALA B 73 -22.22 -14.06 42.30
C ALA B 73 -20.91 -14.51 42.96
N GLN B 74 -20.25 -13.60 43.67
CA GLN B 74 -18.98 -13.91 44.34
C GLN B 74 -19.09 -13.68 45.84
N ARG B 81 -11.23 -10.65 40.18
CA ARG B 81 -12.05 -9.57 40.71
C ARG B 81 -12.88 -8.91 39.61
N PRO B 82 -14.18 -8.72 39.86
CA PRO B 82 -15.10 -8.13 38.88
C PRO B 82 -14.78 -6.69 38.53
N ARG B 83 -14.19 -5.96 39.46
CA ARG B 83 -13.82 -4.55 39.25
C ARG B 83 -12.68 -4.40 38.24
N ASP B 84 -11.70 -5.30 38.32
CA ASP B 84 -10.51 -5.23 37.48
C ASP B 84 -10.75 -5.76 36.05
N LEU B 85 -11.51 -6.84 35.94
CA LEU B 85 -11.76 -7.49 34.65
C LEU B 85 -12.69 -6.69 33.74
N ILE B 86 -13.78 -6.18 34.30
CA ILE B 86 -14.78 -5.44 33.54
C ILE B 86 -14.24 -4.08 33.07
N SER B 87 -13.47 -3.41 33.93
CA SER B 87 -12.83 -2.15 33.59
C SER B 87 -11.79 -2.31 32.48
N ASN B 88 -11.17 -3.48 32.43
CA ASN B 88 -10.22 -3.81 31.37
C ASN B 88 -10.91 -4.20 30.06
N ILE B 89 -12.09 -4.82 30.17
CA ILE B 89 -12.92 -5.12 29.02
C ILE B 89 -13.52 -3.82 28.46
N ASN B 90 -13.84 -2.90 29.35
CA ASN B 90 -14.34 -1.57 28.99
C ASN B 90 -13.42 -0.82 28.03
N VAL B 91 -12.11 -0.88 28.31
CA VAL B 91 -11.10 -0.26 27.44
C VAL B 91 -11.06 -0.95 26.08
N ILE B 92 -11.09 -2.28 26.08
CA ILE B 92 -11.10 -3.08 24.86
C ILE B 92 -12.27 -2.71 23.94
N VAL B 93 -13.48 -2.67 24.51
CA VAL B 93 -14.70 -2.36 23.76
C VAL B 93 -14.71 -0.92 23.23
N LEU B 94 -14.21 0.02 24.03
CA LEU B 94 -14.13 1.43 23.62
C LEU B 94 -13.15 1.65 22.46
N GLU B 95 -12.03 0.92 22.49
CA GLU B 95 -11.00 1.03 21.46
C GLU B 95 -11.45 0.42 20.13
N LEU B 96 -12.22 -0.66 20.21
CA LEU B 96 -12.68 -1.39 19.02
C LEU B 96 -13.71 -0.62 18.20
N LYS B 97 -14.56 0.15 18.89
CA LYS B 97 -15.58 0.96 18.21
C LYS B 97 -15.10 2.40 18.00
N PHE B 103 -22.63 6.80 17.99
CA PHE B 103 -23.63 5.90 17.44
C PHE B 103 -24.75 5.62 18.44
N MET B 104 -25.99 5.65 17.94
CA MET B 104 -27.15 5.34 18.76
C MET B 104 -27.52 3.86 18.61
N CYS B 105 -27.24 3.09 19.66
CA CYS B 105 -27.54 1.66 19.66
C CYS B 105 -29.03 1.40 19.89
N GLU B 106 -29.63 0.62 19.00
CA GLU B 106 -31.03 0.22 19.13
C GLU B 106 -31.12 -1.16 19.76
N TYR B 107 -31.90 -1.25 20.83
CA TYR B 107 -32.07 -2.51 21.57
C TYR B 107 -33.21 -3.36 21.00
N ALA B 108 -33.07 -4.68 21.18
CA ALA B 108 -34.11 -5.63 20.79
C ALA B 108 -35.27 -5.59 21.79
N ASP B 109 -36.44 -6.03 21.35
CA ASP B 109 -37.65 -6.04 22.18
C ASP B 109 -37.54 -6.96 23.39
N GLU B 110 -36.80 -8.05 23.22
CA GLU B 110 -36.67 -9.08 24.25
C GLU B 110 -35.47 -8.84 25.17
N THR B 111 -35.68 -9.02 26.47
CA THR B 111 -34.60 -8.98 27.45
C THR B 111 -33.98 -10.37 27.61
N ALA B 112 -32.77 -10.43 28.17
CA ALA B 112 -32.01 -11.68 28.24
C ALA B 112 -31.33 -11.92 29.59
N THR B 113 -31.08 -13.19 29.87
CA THR B 113 -30.28 -13.60 31.01
C THR B 113 -28.80 -13.45 30.68
N ILE B 114 -27.96 -13.49 31.70
CA ILE B 114 -26.50 -13.36 31.53
C ILE B 114 -25.91 -14.33 30.50
N VAL B 115 -26.38 -15.58 30.52
CA VAL B 115 -25.87 -16.62 29.63
C VAL B 115 -26.23 -16.36 28.15
N GLU B 116 -27.45 -15.87 27.92
CA GLU B 116 -27.90 -15.46 26.59
C GLU B 116 -27.17 -14.18 26.16
N PHE B 117 -26.88 -13.32 27.14
CA PHE B 117 -26.17 -12.06 26.91
C PHE B 117 -24.71 -12.30 26.51
N LEU B 118 -24.05 -13.22 27.21
CA LEU B 118 -22.66 -13.56 26.94
C LEU B 118 -22.49 -14.27 25.61
N ASN B 119 -23.36 -15.23 25.33
CA ASN B 119 -23.31 -16.03 24.11
C ASN B 119 -23.46 -15.20 22.83
N ARG B 120 -24.35 -14.23 22.85
CA ARG B 120 -24.60 -13.36 21.71
C ARG B 120 -23.37 -12.53 21.33
N TRP B 121 -22.62 -12.10 22.35
CA TRP B 121 -21.41 -11.32 22.14
C TRP B 121 -20.21 -12.20 21.81
N ILE B 122 -20.21 -13.42 22.34
CA ILE B 122 -19.22 -14.44 21.98
C ILE B 122 -19.37 -14.81 20.51
N THR B 123 -20.62 -15.02 20.07
CA THR B 123 -20.94 -15.31 18.68
C THR B 123 -20.60 -14.12 17.78
N PHE B 124 -20.88 -12.91 18.27
CA PHE B 124 -20.58 -11.67 17.55
C PHE B 124 -19.08 -11.52 17.31
N CYS B 125 -18.29 -11.79 18.34
CA CYS B 125 -16.83 -11.67 18.29
C CYS B 125 -16.20 -12.66 17.32
N GLN B 126 -16.69 -13.90 17.34
CA GLN B 126 -16.21 -14.96 16.45
C GLN B 126 -16.48 -14.65 14.97
N SER B 127 -17.58 -13.95 14.72
CA SER B 127 -17.97 -13.57 13.36
C SER B 127 -17.07 -12.48 12.77
N ILE B 128 -16.70 -11.50 13.61
CA ILE B 128 -15.87 -10.36 13.18
C ILE B 128 -14.42 -10.76 12.89
N ILE B 129 -13.91 -11.73 13.66
CA ILE B 129 -12.54 -12.23 13.47
C ILE B 129 -12.37 -12.93 12.12
N SER B 130 -13.41 -13.64 11.68
CA SER B 130 -13.37 -14.40 10.44
C SER B 130 -13.48 -13.55 9.16
N THR B 131 -14.00 -12.33 9.31
CA THR B 131 -14.18 -11.42 8.17
C THR B 131 -12.86 -10.83 7.67
N LEU B 132 -12.00 -10.43 8.61
CA LEU B 132 -10.70 -9.85 8.28
C LEU B 132 -9.58 -10.88 8.32
N THR C 7 -5.08 -16.81 3.52
CA THR C 7 -4.47 -16.46 4.82
C THR C 7 -3.38 -17.45 5.22
N LYS C 8 -3.67 -18.74 5.07
CA LYS C 8 -2.71 -19.80 5.38
C LYS C 8 -1.54 -19.84 4.39
N LYS C 9 -1.82 -19.40 3.16
CA LYS C 9 -0.79 -19.30 2.12
C LYS C 9 0.27 -18.25 2.49
N THR C 10 -0.18 -17.19 3.15
CA THR C 10 0.72 -16.15 3.66
C THR C 10 1.51 -16.67 4.86
N GLN C 11 0.85 -17.47 5.70
CA GLN C 11 1.47 -18.06 6.88
C GLN C 11 2.58 -19.05 6.52
N LEU C 12 2.38 -19.80 5.44
CA LEU C 12 3.37 -20.75 4.95
C LEU C 12 4.48 -20.05 4.17
N GLN C 13 4.14 -18.95 3.52
CA GLN C 13 5.10 -18.15 2.75
C GLN C 13 6.16 -17.53 3.67
N LEU C 14 5.72 -17.02 4.82
CA LEU C 14 6.63 -16.44 5.81
C LEU C 14 7.49 -17.49 6.49
N GLU C 15 6.90 -18.67 6.73
CA GLU C 15 7.61 -19.78 7.35
C GLU C 15 8.71 -20.33 6.45
N HIS C 16 8.50 -20.28 5.13
CA HIS C 16 9.51 -20.68 4.16
C HIS C 16 10.66 -19.68 4.13
N LEU C 17 10.33 -18.40 4.24
CA LEU C 17 11.32 -17.33 4.33
C LEU C 17 12.11 -17.44 5.63
N LEU C 18 11.40 -17.76 6.72
CA LEU C 18 12.02 -17.96 8.03
C LEU C 18 13.03 -19.11 8.01
N LEU C 19 12.64 -20.21 7.36
CA LEU C 19 13.49 -21.40 7.22
C LEU C 19 14.73 -21.12 6.37
N ASP C 20 14.54 -20.35 5.30
CA ASP C 20 15.62 -19.99 4.38
C ASP C 20 16.68 -19.13 5.06
N LEU C 21 16.25 -18.14 5.83
CA LEU C 21 17.16 -17.26 6.58
C LEU C 21 17.89 -18.00 7.69
N GLN C 22 17.20 -18.98 8.30
CA GLN C 22 17.79 -19.79 9.35
C GLN C 22 18.78 -20.81 8.79
N MET C 23 18.55 -21.24 7.55
CA MET C 23 19.43 -22.18 6.86
C MET C 23 20.79 -21.56 6.60
N ILE C 24 20.80 -20.30 6.17
CA ILE C 24 22.04 -19.56 5.94
C ILE C 24 22.79 -19.30 7.26
N LEU C 25 22.03 -18.93 8.30
CA LEU C 25 22.58 -18.64 9.62
C LEU C 25 23.25 -19.85 10.26
N ASN C 26 22.65 -21.03 10.07
CA ASN C 26 23.20 -22.28 10.59
C ASN C 26 24.54 -22.64 9.95
N GLY C 27 24.67 -22.35 8.65
CA GLY C 27 25.91 -22.58 7.92
C GLY C 27 27.00 -21.61 8.34
N ILE C 28 26.60 -20.37 8.65
CA ILE C 28 27.52 -19.32 9.08
C ILE C 28 28.11 -19.62 10.46
N ASN C 29 27.29 -20.15 11.36
CA ASN C 29 27.72 -20.48 12.72
C ASN C 29 28.63 -21.71 12.80
N ASN C 30 28.82 -22.38 11.66
CA ASN C 30 29.71 -23.53 11.57
C ASN C 30 31.09 -23.19 11.00
N TYR C 31 31.39 -21.89 10.89
CA TYR C 31 32.69 -21.42 10.43
C TYR C 31 33.64 -21.21 11.60
N LYS C 32 34.80 -21.84 11.53
CA LYS C 32 35.83 -21.73 12.57
C LYS C 32 37.24 -21.86 11.99
N LYS C 35 36.70 -19.34 9.43
CA LYS C 35 37.08 -18.00 9.89
C LYS C 35 35.86 -17.09 9.97
N LEU C 36 35.30 -16.97 11.16
CA LEU C 36 34.16 -16.09 11.41
C LEU C 36 34.60 -14.70 11.89
N THR C 37 35.91 -14.49 11.98
CA THR C 37 36.47 -13.19 12.30
C THR C 37 36.20 -12.20 11.15
N ARG C 38 36.31 -12.70 9.92
CA ARG C 38 35.84 -11.97 8.74
C ARG C 38 34.34 -12.23 8.57
N MET C 39 33.78 -11.83 7.43
CA MET C 39 32.34 -11.93 7.17
C MET C 39 31.53 -10.94 8.01
N LEU C 40 31.91 -10.78 9.28
CA LEU C 40 31.31 -9.79 10.16
C LEU C 40 31.73 -8.37 9.77
N THR C 41 32.81 -8.28 8.99
CA THR C 41 33.28 -6.99 8.45
C THR C 41 32.34 -6.46 7.37
N PHE C 42 31.63 -7.37 6.71
CA PHE C 42 30.64 -7.01 5.69
C PHE C 42 29.42 -6.36 6.33
N LYS C 43 29.35 -5.03 6.23
CA LYS C 43 28.28 -4.26 6.86
C LYS C 43 26.97 -4.33 6.07
N PHE C 44 25.89 -4.58 6.79
CA PHE C 44 24.55 -4.67 6.21
C PHE C 44 23.67 -3.51 6.68
N TYR C 45 22.67 -3.16 5.87
CA TYR C 45 21.69 -2.15 6.25
C TYR C 45 20.53 -2.78 7.02
N MET C 46 20.02 -2.05 8.00
CA MET C 46 18.92 -2.52 8.83
C MET C 46 17.70 -1.60 8.69
N PRO C 47 16.50 -2.15 8.76
CA PRO C 47 15.28 -1.35 8.78
C PRO C 47 15.13 -0.58 10.09
N LYS C 48 14.60 0.64 10.02
CA LYS C 48 14.32 1.43 11.21
C LYS C 48 13.16 0.80 11.99
N LYS C 49 12.14 0.36 11.25
CA LYS C 49 11.01 -0.36 11.80
C LYS C 49 10.60 -1.47 10.84
N ALA C 50 10.22 -2.63 11.40
CA ALA C 50 9.77 -3.77 10.61
C ALA C 50 8.57 -4.43 11.28
N THR C 51 7.38 -3.92 10.96
CA THR C 51 6.14 -4.35 11.61
C THR C 51 5.13 -4.94 10.63
N GLU C 52 5.04 -4.33 9.45
CA GLU C 52 4.12 -4.78 8.40
C GLU C 52 4.89 -5.48 7.27
N LEU C 53 4.16 -6.25 6.47
CA LEU C 53 4.75 -7.03 5.37
C LEU C 53 5.34 -6.16 4.26
N LYS C 54 4.92 -4.89 4.20
CA LYS C 54 5.45 -3.94 3.23
C LYS C 54 6.90 -3.55 3.53
N HIS C 55 7.34 -3.80 4.76
CA HIS C 55 8.68 -3.45 5.21
C HIS C 55 9.76 -4.42 4.73
N LEU C 56 9.34 -5.46 4.00
CA LEU C 56 10.27 -6.45 3.44
C LEU C 56 11.11 -5.88 2.29
N GLN C 57 10.83 -4.63 1.93
CA GLN C 57 11.63 -3.90 0.94
C GLN C 57 13.07 -3.71 1.43
N CYS C 58 13.23 -3.53 2.74
CA CYS C 58 14.54 -3.39 3.36
C CYS C 58 15.38 -4.66 3.26
N LEU C 59 14.70 -5.81 3.26
CA LEU C 59 15.36 -7.10 3.04
C LEU C 59 15.62 -7.32 1.55
N GLU C 60 14.64 -6.95 0.73
CA GLU C 60 14.72 -7.10 -0.73
C GLU C 60 15.88 -6.29 -1.33
N GLU C 61 16.05 -5.06 -0.85
CA GLU C 61 17.13 -4.17 -1.30
C GLU C 61 18.51 -4.67 -0.87
N GLU C 62 18.55 -5.43 0.22
CA GLU C 62 19.79 -5.96 0.76
C GLU C 62 20.00 -7.44 0.41
N LEU C 63 19.44 -7.88 -0.72
CA LEU C 63 19.57 -9.27 -1.15
C LEU C 63 20.79 -9.51 -2.05
N LYS C 64 21.13 -8.52 -2.86
CA LYS C 64 22.36 -8.57 -3.67
C LYS C 64 23.63 -8.56 -2.79
N PRO C 65 23.71 -7.66 -1.81
CA PRO C 65 24.80 -7.70 -0.82
C PRO C 65 24.84 -9.01 -0.03
N LEU C 66 23.67 -9.62 0.19
CA LEU C 66 23.60 -10.94 0.83
C LEU C 66 24.18 -12.03 -0.07
N GLU C 67 23.95 -11.89 -1.38
CA GLU C 67 24.52 -12.81 -2.36
C GLU C 67 26.02 -12.57 -2.56
N GLU C 68 26.45 -11.33 -2.31
CA GLU C 68 27.85 -10.93 -2.43
C GLU C 68 28.72 -11.53 -1.34
N VAL C 69 28.20 -11.55 -0.12
CA VAL C 69 28.94 -12.06 1.04
C VAL C 69 28.89 -13.59 1.16
N LEU C 70 27.83 -14.20 0.62
CA LEU C 70 27.70 -15.65 0.61
C LEU C 70 28.64 -16.27 -0.42
N ASN C 71 28.93 -15.51 -1.47
CA ASN C 71 29.92 -15.91 -2.47
C ASN C 71 31.34 -15.74 -1.94
N LEU C 72 31.50 -14.81 -1.01
CA LEU C 72 32.78 -14.55 -0.34
C LEU C 72 33.21 -15.72 0.54
N ALA C 73 32.23 -16.41 1.12
CA ALA C 73 32.49 -17.59 1.94
C ALA C 73 31.42 -18.66 1.73
N GLN C 74 31.79 -19.74 1.05
CA GLN C 74 30.86 -20.84 0.76
C GLN C 74 31.56 -22.19 0.76
N PRO C 82 25.11 -19.79 -3.03
CA PRO C 82 24.72 -18.39 -2.89
C PRO C 82 23.60 -18.02 -3.87
N ARG C 83 23.84 -18.18 -5.17
CA ARG C 83 22.81 -18.00 -6.19
C ARG C 83 21.75 -19.09 -6.06
N ASP C 84 20.97 -18.76 -6.58
CA ASP C 84 19.82 -19.67 -6.51
C ASP C 84 19.17 -19.69 -5.13
N LEU C 85 19.41 -19.14 -4.25
CA LEU C 85 19.14 -19.66 -2.78
C LEU C 85 18.61 -18.25 -2.48
N ILE C 86 19.37 -17.24 -2.87
CA ILE C 86 18.96 -15.84 -2.74
C ILE C 86 17.83 -15.51 -3.71
N SER C 87 17.86 -16.15 -4.88
CA SER C 87 16.80 -16.03 -5.88
C SER C 87 15.48 -16.60 -5.34
N ASN C 88 15.56 -17.71 -4.62
CA ASN C 88 14.40 -18.33 -3.98
C ASN C 88 13.80 -17.42 -2.90
N ILE C 89 14.66 -16.77 -2.14
CA ILE C 89 14.24 -15.82 -1.09
C ILE C 89 13.56 -14.59 -1.72
N ASN C 90 14.12 -14.09 -2.81
CA ASN C 90 13.60 -12.93 -3.52
C ASN C 90 12.20 -13.15 -4.10
N VAL C 91 11.94 -14.36 -4.60
CA VAL C 91 10.63 -14.74 -5.12
C VAL C 91 9.59 -14.77 -4.00
N ILE C 92 10.01 -15.26 -2.83
CA ILE C 92 9.15 -15.33 -1.64
C ILE C 92 8.84 -13.93 -1.09
N VAL C 93 9.87 -13.07 -1.03
CA VAL C 93 9.72 -11.70 -0.56
C VAL C 93 8.77 -10.88 -1.44
N LEU C 94 8.95 -11.00 -2.76
CA LEU C 94 8.10 -10.31 -3.74
C LEU C 94 6.65 -10.77 -3.70
N GLU C 95 6.44 -12.05 -3.36
CA GLU C 95 5.10 -12.62 -3.25
C GLU C 95 4.39 -12.19 -1.98
N LEU C 96 5.16 -11.86 -0.94
CA LEU C 96 4.62 -11.48 0.35
C LEU C 96 4.15 -10.02 0.39
N LYS C 97 5.00 -9.12 -0.09
CA LYS C 97 4.66 -7.70 -0.13
C LYS C 97 3.70 -7.36 -1.28
N GLY C 98 3.71 -8.19 -2.32
CA GLY C 98 2.84 -8.01 -3.47
C GLY C 98 3.32 -6.91 -4.40
N GLU C 100 1.29 -4.35 -5.15
CA GLU C 100 1.00 -3.09 -5.82
C GLU C 100 1.43 -1.88 -4.99
N THR C 101 1.10 -1.91 -3.70
CA THR C 101 1.44 -0.83 -2.78
C THR C 101 2.92 -0.89 -2.39
N THR C 102 3.71 0.00 -2.95
CA THR C 102 5.16 0.04 -2.71
C THR C 102 5.51 1.00 -1.59
N PHE C 103 6.46 0.60 -0.74
CA PHE C 103 6.89 1.39 0.40
C PHE C 103 8.36 1.78 0.28
N MET C 104 8.65 3.07 0.40
CA MET C 104 10.01 3.57 0.42
C MET C 104 10.62 3.32 1.79
N CYS C 105 11.66 2.49 1.82
CA CYS C 105 12.24 2.02 3.07
C CYS C 105 13.11 3.05 3.78
N GLU C 106 12.89 3.21 5.07
CA GLU C 106 13.72 4.03 5.94
C GLU C 106 14.72 3.14 6.67
N TYR C 107 16.01 3.38 6.44
CA TYR C 107 17.07 2.58 7.03
C TYR C 107 17.52 3.14 8.38
N ALA C 108 17.96 2.24 9.26
CA ALA C 108 18.47 2.62 10.57
C ALA C 108 19.84 3.29 10.45
N ASP C 109 20.17 4.12 11.45
CA ASP C 109 21.45 4.82 11.49
C ASP C 109 22.62 3.86 11.74
N GLU C 110 22.36 2.80 12.51
CA GLU C 110 23.38 1.82 12.84
C GLU C 110 23.38 0.64 11.86
N THR C 111 24.56 0.34 11.33
CA THR C 111 24.74 -0.81 10.43
C THR C 111 25.05 -2.07 11.24
N ALA C 112 24.93 -3.22 10.59
CA ALA C 112 25.07 -4.50 11.29
C ALA C 112 25.82 -5.55 10.47
N THR C 113 26.19 -6.64 11.13
CA THR C 113 26.83 -7.78 10.49
C THR C 113 25.77 -8.71 9.90
N ILE C 114 26.21 -9.75 9.19
CA ILE C 114 25.31 -10.72 8.57
C ILE C 114 24.45 -11.47 9.60
N VAL C 115 25.04 -11.81 10.75
CA VAL C 115 24.32 -12.49 11.83
C VAL C 115 23.19 -11.61 12.37
N GLU C 116 23.51 -10.35 12.67
CA GLU C 116 22.53 -9.38 13.15
C GLU C 116 21.47 -9.07 12.08
N PHE C 117 21.90 -9.06 10.82
CA PHE C 117 21.00 -8.86 9.69
C PHE C 117 20.00 -10.01 9.58
N LEU C 118 20.51 -11.23 9.61
CA LEU C 118 19.68 -12.43 9.52
C LEU C 118 18.74 -12.58 10.71
N ASN C 119 19.24 -12.31 11.91
CA ASN C 119 18.46 -12.41 13.14
C ASN C 119 17.28 -11.44 13.20
N ARG C 120 17.48 -10.23 12.69
CA ARG C 120 16.43 -9.21 12.63
C ARG C 120 15.27 -9.68 11.74
N TRP C 121 15.61 -10.28 10.61
CA TRP C 121 14.62 -10.77 9.66
C TRP C 121 14.04 -12.14 10.05
N ILE C 122 14.73 -12.84 10.95
CA ILE C 122 14.18 -14.02 11.60
C ILE C 122 13.15 -13.58 12.67
N THR C 123 13.49 -12.52 13.39
CA THR C 123 12.61 -11.93 14.39
C THR C 123 11.33 -11.38 13.75
N PHE C 124 11.49 -10.74 12.59
CA PHE C 124 10.38 -10.20 11.82
C PHE C 124 9.39 -11.30 11.44
N CYS C 125 9.91 -12.33 10.78
CA CYS C 125 9.10 -13.44 10.27
C CYS C 125 8.30 -14.14 11.36
N GLN C 126 8.97 -14.42 12.48
CA GLN C 126 8.35 -15.08 13.62
C GLN C 126 7.18 -14.28 14.19
N SER C 127 7.33 -12.96 14.25
CA SER C 127 6.31 -12.06 14.79
C SER C 127 5.05 -11.99 13.93
N ILE C 128 5.23 -11.91 12.61
CA ILE C 128 4.10 -11.85 11.68
C ILE C 128 3.29 -13.15 11.68
N ILE C 129 3.98 -14.29 11.77
CA ILE C 129 3.34 -15.60 11.83
C ILE C 129 2.46 -15.72 13.08
N SER C 130 2.90 -15.11 14.18
CA SER C 130 2.15 -15.08 15.43
C SER C 130 0.86 -14.26 15.33
N THR C 131 0.81 -13.34 14.37
CA THR C 131 -0.37 -12.51 14.15
C THR C 131 -1.20 -13.03 12.97
N SER D 6 -14.27 -36.59 -27.08
CA SER D 6 -12.83 -36.84 -26.78
C SER D 6 -11.94 -36.54 -27.98
N THR D 7 -12.27 -37.16 -29.11
CA THR D 7 -11.49 -37.03 -30.35
C THR D 7 -11.65 -35.65 -30.99
N LYS D 8 -12.81 -35.04 -30.80
CA LYS D 8 -13.10 -33.72 -31.36
C LYS D 8 -12.31 -32.60 -30.67
N LYS D 9 -12.16 -32.71 -29.36
CA LYS D 9 -11.43 -31.72 -28.56
C LYS D 9 -9.93 -31.68 -28.88
N THR D 10 -9.36 -32.86 -29.10
CA THR D 10 -7.95 -33.00 -29.48
C THR D 10 -7.69 -32.38 -30.86
N GLN D 11 -8.61 -32.60 -31.79
CA GLN D 11 -8.52 -32.05 -33.13
C GLN D 11 -8.53 -30.52 -33.14
N LEU D 12 -9.42 -29.93 -32.33
CA LEU D 12 -9.55 -28.48 -32.24
C LEU D 12 -8.36 -27.83 -31.53
N GLN D 13 -7.76 -28.59 -30.60
CA GLN D 13 -6.58 -28.12 -29.86
C GLN D 13 -5.35 -28.09 -30.75
N LEU D 14 -5.16 -29.14 -31.55
CA LEU D 14 -4.01 -29.24 -32.46
C LEU D 14 -4.11 -28.24 -33.62
N GLU D 15 -5.34 -28.01 -34.09
CA GLU D 15 -5.59 -27.04 -35.15
C GLU D 15 -5.34 -25.61 -34.67
N HIS D 16 -5.60 -25.36 -33.40
CA HIS D 16 -5.36 -24.06 -32.77
C HIS D 16 -3.88 -23.84 -32.50
N LEU D 17 -3.20 -24.91 -32.07
CA LEU D 17 -1.75 -24.89 -31.86
C LEU D 17 -1.00 -24.68 -33.17
N LEU D 18 -1.47 -25.33 -34.23
CA LEU D 18 -0.93 -25.18 -35.58
C LEU D 18 -1.09 -23.74 -36.08
N LEU D 19 -2.25 -23.16 -35.81
CA LEU D 19 -2.54 -21.77 -36.19
C LEU D 19 -1.70 -20.77 -35.40
N ASP D 20 -1.49 -21.07 -34.12
CA ASP D 20 -0.70 -20.22 -33.23
C ASP D 20 0.75 -20.08 -33.71
N LEU D 21 1.35 -21.20 -34.08
CA LEU D 21 2.73 -21.22 -34.57
C LEU D 21 2.83 -20.60 -35.96
N GLN D 22 1.78 -20.76 -36.76
CA GLN D 22 1.71 -20.19 -38.10
C GLN D 22 1.58 -18.66 -38.05
N MET D 23 1.01 -18.16 -36.96
CA MET D 23 0.87 -16.72 -36.73
C MET D 23 2.24 -16.10 -36.42
N ILE D 24 3.08 -16.84 -35.70
CA ILE D 24 4.43 -16.38 -35.35
C ILE D 24 5.36 -16.42 -36.56
N LEU D 25 5.27 -17.49 -37.35
CA LEU D 25 6.09 -17.65 -38.55
C LEU D 25 5.78 -16.60 -39.62
N ASN D 26 4.50 -16.23 -39.73
CA ASN D 26 4.08 -15.20 -40.66
C ASN D 26 4.55 -13.80 -40.26
N GLY D 27 4.60 -13.56 -38.95
CA GLY D 27 5.09 -12.30 -38.41
C GLY D 27 6.58 -12.14 -38.57
N ILE D 28 7.30 -13.26 -38.49
CA ILE D 28 8.75 -13.28 -38.66
C ILE D 28 9.14 -13.03 -40.11
N ASN D 29 8.37 -13.60 -41.03
CA ASN D 29 8.58 -13.41 -42.47
C ASN D 29 8.25 -11.98 -42.93
N ASN D 30 7.52 -11.25 -42.10
CA ASN D 30 7.17 -9.85 -42.38
C ASN D 30 8.25 -8.86 -41.98
N TYR D 31 9.31 -9.35 -41.33
CA TYR D 31 10.42 -8.51 -40.89
C TYR D 31 11.34 -8.17 -42.05
N LYS D 32 12.02 -7.02 -41.94
CA LYS D 32 13.02 -6.61 -42.92
C LYS D 32 14.27 -7.48 -42.80
N ASN D 33 15.10 -7.45 -43.84
CA ASN D 33 16.30 -8.30 -43.91
C ASN D 33 17.27 -8.20 -42.72
N PRO D 34 17.64 -6.99 -42.28
CA PRO D 34 18.54 -6.83 -41.13
C PRO D 34 17.94 -7.39 -39.83
N LYS D 35 16.65 -7.18 -39.64
CA LYS D 35 15.94 -7.67 -38.45
C LYS D 35 15.83 -9.19 -38.42
N LEU D 36 15.66 -9.79 -39.60
CA LEU D 36 15.55 -11.24 -39.73
C LEU D 36 16.87 -11.93 -39.46
N THR D 37 17.95 -11.39 -40.02
CA THR D 37 19.29 -11.95 -39.84
C THR D 37 19.69 -11.99 -38.37
N ARG D 38 19.38 -10.92 -37.64
CA ARG D 38 19.68 -10.83 -36.21
C ARG D 38 18.81 -11.76 -35.37
N MET D 39 17.63 -12.10 -35.90
CA MET D 39 16.71 -13.02 -35.24
C MET D 39 17.21 -14.47 -35.33
N LEU D 40 17.88 -14.80 -36.43
CA LEU D 40 18.38 -16.15 -36.67
C LEU D 40 19.55 -16.55 -35.76
N THR D 41 20.17 -15.56 -35.12
CA THR D 41 21.27 -15.81 -34.18
C THR D 41 20.77 -16.41 -32.87
N PHE D 42 19.47 -16.34 -32.63
CA PHE D 42 18.82 -17.00 -31.50
C PHE D 42 18.59 -18.47 -31.85
N LYS D 43 19.24 -19.36 -31.09
CA LYS D 43 19.25 -20.78 -31.41
C LYS D 43 18.25 -21.59 -30.58
N PHE D 44 17.56 -22.51 -31.26
CA PHE D 44 16.54 -23.35 -30.62
C PHE D 44 16.90 -24.83 -30.63
N TYR D 45 16.51 -25.53 -29.57
CA TYR D 45 16.70 -26.97 -29.46
C TYR D 45 15.64 -27.70 -30.29
N MET D 46 16.06 -28.80 -30.92
CA MET D 46 15.19 -29.59 -31.78
C MET D 46 14.97 -30.99 -31.20
N PRO D 47 13.77 -31.55 -31.40
CA PRO D 47 13.48 -32.91 -30.92
C PRO D 47 14.11 -33.98 -31.81
N LYS D 48 14.47 -35.12 -31.19
CA LYS D 48 15.04 -36.25 -31.92
C LYS D 48 13.96 -37.04 -32.65
N LYS D 49 12.79 -37.14 -32.03
CA LYS D 49 11.65 -37.84 -32.60
C LYS D 49 10.35 -37.09 -32.35
N ALA D 50 9.56 -36.89 -33.41
CA ALA D 50 8.28 -36.20 -33.32
C ALA D 50 7.22 -36.94 -34.13
N THR D 51 6.55 -37.89 -33.48
CA THR D 51 5.56 -38.74 -34.14
C THR D 51 4.28 -38.92 -33.31
N GLU D 52 4.45 -38.95 -31.99
CA GLU D 52 3.33 -39.11 -31.06
C GLU D 52 3.05 -37.82 -30.29
N LEU D 53 1.94 -37.79 -29.57
CA LEU D 53 1.52 -36.60 -28.81
C LEU D 53 2.38 -36.35 -27.57
N LYS D 54 3.05 -37.39 -27.06
CA LYS D 54 3.91 -37.27 -25.89
C LYS D 54 5.20 -36.51 -26.16
N HIS D 55 5.57 -36.41 -27.45
CA HIS D 55 6.78 -35.70 -27.87
C HIS D 55 6.60 -34.18 -27.85
N LEU D 56 5.43 -33.72 -27.41
CA LEU D 56 5.15 -32.29 -27.28
C LEU D 56 5.85 -31.66 -26.07
N GLN D 57 6.57 -32.49 -25.30
CA GLN D 57 7.37 -32.03 -24.17
C GLN D 57 8.56 -31.19 -24.66
N CYS D 58 9.05 -31.51 -25.86
CA CYS D 58 10.16 -30.78 -26.47
C CYS D 58 9.76 -29.37 -26.88
N LEU D 59 8.50 -29.20 -27.24
CA LEU D 59 7.95 -27.88 -27.57
C LEU D 59 7.69 -27.08 -26.30
N GLU D 60 7.15 -27.75 -25.28
CA GLU D 60 6.84 -27.13 -23.98
C GLU D 60 8.11 -26.59 -23.31
N GLU D 61 9.18 -27.37 -23.35
CA GLU D 61 10.45 -27.00 -22.75
C GLU D 61 11.15 -25.85 -23.48
N GLU D 62 10.86 -25.73 -24.78
CA GLU D 62 11.45 -24.67 -25.60
C GLU D 62 10.54 -23.45 -25.73
N LEU D 63 9.45 -23.42 -24.96
CA LEU D 63 8.49 -22.32 -25.03
C LEU D 63 8.95 -21.07 -24.29
N LYS D 64 9.85 -21.25 -23.33
CA LYS D 64 10.46 -20.10 -22.63
C LYS D 64 11.41 -19.31 -23.53
N PRO D 65 12.36 -19.98 -24.21
CA PRO D 65 13.20 -19.31 -25.22
C PRO D 65 12.42 -18.69 -26.39
N LEU D 66 11.28 -19.28 -26.77
CA LEU D 66 10.43 -18.72 -27.82
C LEU D 66 9.83 -17.38 -27.38
N GLU D 67 9.43 -17.31 -26.11
CA GLU D 67 8.95 -16.08 -25.50
C GLU D 67 10.07 -15.06 -25.33
N GLU D 68 11.28 -15.57 -25.05
CA GLU D 68 12.46 -14.73 -24.85
C GLU D 68 12.84 -13.96 -26.12
N VAL D 69 12.86 -14.65 -27.25
CA VAL D 69 13.23 -14.04 -28.53
C VAL D 69 12.15 -13.11 -29.09
N LEU D 70 10.89 -13.47 -28.91
CA LEU D 70 9.76 -12.66 -29.36
C LEU D 70 9.63 -11.37 -28.57
N ASN D 71 10.09 -11.40 -27.31
CA ASN D 71 10.15 -10.20 -26.47
C ASN D 71 11.26 -9.24 -26.90
N LEU D 72 12.32 -9.81 -27.48
CA LEU D 72 13.41 -9.02 -28.05
C LEU D 72 13.00 -8.42 -29.39
N ALA D 73 12.17 -9.15 -30.12
CA ALA D 73 11.69 -8.73 -31.44
C ALA D 73 10.77 -7.51 -31.39
N GLN D 74 10.04 -7.37 -30.29
CA GLN D 74 9.12 -6.23 -30.10
C GLN D 74 9.88 -4.96 -29.79
N ARG D 81 0.68 -9.49 -28.51
CA ARG D 81 1.58 -9.57 -27.37
C ARG D 81 2.18 -10.97 -27.22
N PRO D 82 3.52 -11.04 -27.15
CA PRO D 82 4.21 -12.34 -27.03
C PRO D 82 3.94 -13.06 -25.71
N ARG D 83 3.77 -12.32 -24.62
CA ARG D 83 3.55 -12.90 -23.30
C ARG D 83 2.26 -13.74 -23.22
N ASP D 84 1.19 -13.22 -23.80
CA ASP D 84 -0.13 -13.87 -23.75
C ASP D 84 -0.29 -14.97 -24.81
N LEU D 85 0.42 -14.83 -25.92
CA LEU D 85 0.35 -15.80 -27.01
C LEU D 85 1.09 -17.10 -26.67
N ILE D 86 2.23 -16.97 -25.99
CA ILE D 86 3.01 -18.13 -25.55
C ILE D 86 2.26 -18.88 -24.44
N SER D 87 1.57 -18.12 -23.58
CA SER D 87 0.75 -18.68 -22.52
C SER D 87 -0.40 -19.52 -23.09
N ASN D 88 -0.98 -19.06 -24.19
CA ASN D 88 -2.06 -19.77 -24.86
C ASN D 88 -1.60 -21.03 -25.59
N ILE D 89 -0.37 -21.01 -26.11
CA ILE D 89 0.26 -22.19 -26.70
C ILE D 89 0.55 -23.22 -25.61
N ASN D 90 1.14 -22.76 -24.51
CA ASN D 90 1.51 -23.60 -23.37
C ASN D 90 0.33 -24.37 -22.77
N VAL D 91 -0.81 -23.68 -22.63
CA VAL D 91 -2.03 -24.30 -22.11
C VAL D 91 -2.51 -25.43 -23.03
N ILE D 92 -2.49 -25.18 -24.34
CA ILE D 92 -2.88 -26.18 -25.34
C ILE D 92 -1.96 -27.41 -25.31
N VAL D 93 -0.65 -27.15 -25.32
CA VAL D 93 0.36 -28.22 -25.27
C VAL D 93 0.20 -29.11 -24.04
N LEU D 94 0.00 -28.48 -22.87
CA LEU D 94 -0.19 -29.19 -21.61
C LEU D 94 -1.47 -30.04 -21.60
N GLU D 95 -2.46 -29.63 -22.39
CA GLU D 95 -3.70 -30.38 -22.53
C GLU D 95 -3.52 -31.61 -23.42
N LEU D 96 -2.66 -31.47 -24.44
CA LEU D 96 -2.42 -32.54 -25.40
C LEU D 96 -1.50 -33.65 -24.86
N LYS D 97 -0.41 -33.24 -24.21
CA LYS D 97 0.57 -34.18 -23.66
C LYS D 97 0.09 -34.86 -22.37
N GLY D 98 -0.86 -34.24 -21.69
CA GLY D 98 -1.43 -34.78 -20.46
C GLY D 98 -1.10 -33.94 -19.26
N GLU D 100 -0.07 -36.37 -16.30
CA GLU D 100 -0.17 -37.79 -15.99
C GLU D 100 1.09 -38.55 -16.41
N THR D 101 1.57 -38.26 -17.61
CA THR D 101 2.75 -38.92 -18.17
C THR D 101 4.00 -38.06 -18.02
N THR D 102 5.13 -38.72 -17.77
CA THR D 102 6.43 -38.07 -17.69
C THR D 102 7.34 -38.59 -18.80
N PHE D 103 7.82 -37.69 -19.65
CA PHE D 103 8.67 -38.05 -20.78
C PHE D 103 9.97 -37.24 -20.81
N MET D 104 11.08 -37.94 -20.70
CA MET D 104 12.40 -37.32 -20.80
C MET D 104 12.73 -37.05 -22.26
N CYS D 105 12.47 -35.81 -22.68
CA CYS D 105 12.64 -35.40 -24.07
C CYS D 105 14.10 -35.41 -24.52
N GLU D 106 14.37 -36.14 -25.60
CA GLU D 106 15.70 -36.20 -26.20
C GLU D 106 15.84 -35.14 -27.28
N TYR D 107 16.96 -34.42 -27.27
CA TYR D 107 17.21 -33.35 -28.22
C TYR D 107 18.19 -33.75 -29.31
N ALA D 108 17.99 -33.21 -30.51
CA ALA D 108 18.91 -33.38 -31.62
C ALA D 108 20.20 -32.62 -31.36
N ASP D 109 21.31 -33.14 -31.88
CA ASP D 109 22.63 -32.54 -31.67
C ASP D 109 22.74 -31.15 -32.31
N GLU D 110 22.13 -30.99 -33.48
CA GLU D 110 22.14 -29.71 -34.19
C GLU D 110 21.01 -28.81 -33.72
N THR D 111 21.36 -27.57 -33.38
CA THR D 111 20.38 -26.55 -33.02
C THR D 111 19.99 -25.75 -34.26
N ALA D 112 18.78 -25.19 -34.24
CA ALA D 112 18.24 -24.52 -35.41
C ALA D 112 17.78 -23.09 -35.12
N THR D 113 17.46 -22.35 -36.17
CA THR D 113 16.90 -21.00 -36.06
C THR D 113 15.40 -21.08 -35.80
N ILE D 114 14.79 -19.93 -35.51
CA ILE D 114 13.36 -19.86 -35.20
C ILE D 114 12.48 -20.37 -36.36
N VAL D 115 12.90 -20.10 -37.59
CA VAL D 115 12.17 -20.52 -38.79
C VAL D 115 12.13 -22.04 -38.89
N GLU D 116 13.30 -22.67 -38.71
CA GLU D 116 13.42 -24.12 -38.73
C GLU D 116 12.69 -24.76 -37.54
N PHE D 117 12.74 -24.08 -36.40
CA PHE D 117 12.07 -24.55 -35.18
C PHE D 117 10.55 -24.60 -35.36
N LEU D 118 9.98 -23.49 -35.85
CA LEU D 118 8.55 -23.39 -36.07
C LEU D 118 8.06 -24.33 -37.18
N ASN D 119 8.88 -24.52 -38.20
CA ASN D 119 8.51 -25.36 -39.34
C ASN D 119 8.43 -26.86 -39.01
N ARG D 120 9.29 -27.32 -38.11
CA ARG D 120 9.26 -28.71 -37.67
C ARG D 120 8.04 -28.99 -36.78
N TRP D 121 7.60 -27.98 -36.03
CA TRP D 121 6.44 -28.11 -35.17
C TRP D 121 5.12 -27.90 -35.91
N ILE D 122 5.17 -27.18 -37.03
CA ILE D 122 4.04 -27.07 -37.95
C ILE D 122 3.85 -28.41 -38.66
N THR D 123 4.95 -28.99 -39.15
CA THR D 123 4.96 -30.31 -39.78
C THR D 123 4.47 -31.40 -38.82
N PHE D 124 4.79 -31.25 -37.54
CA PHE D 124 4.33 -32.17 -36.50
C PHE D 124 2.81 -32.13 -36.35
N CYS D 125 2.27 -30.91 -36.25
CA CYS D 125 0.84 -30.70 -36.04
C CYS D 125 -0.02 -31.25 -37.19
N GLN D 126 0.45 -31.07 -38.42
CA GLN D 126 -0.26 -31.53 -39.62
C GLN D 126 -0.19 -33.04 -39.79
N SER D 127 0.73 -33.68 -39.06
CA SER D 127 0.90 -35.13 -39.10
C SER D 127 -0.01 -35.85 -38.10
N ILE D 128 -0.28 -35.20 -36.97
CA ILE D 128 -1.17 -35.77 -35.94
C ILE D 128 -2.64 -35.65 -36.34
N ILE D 129 -3.01 -34.50 -36.90
CA ILE D 129 -4.38 -34.27 -37.38
C ILE D 129 -4.73 -35.22 -38.52
N SER D 130 -3.73 -35.55 -39.34
CA SER D 130 -3.87 -36.46 -40.47
C SER D 130 -4.25 -37.89 -40.05
N THR D 131 -3.79 -38.31 -38.87
CA THR D 131 -4.02 -39.67 -38.38
C THR D 131 -5.40 -39.84 -37.71
N LEU D 132 -5.74 -38.93 -36.79
CA LEU D 132 -7.01 -39.02 -36.08
C LEU D 132 -8.20 -38.53 -36.91
#